data_4G6U
#
_entry.id   4G6U
#
_cell.length_a   81.699
_cell.length_b   103.631
_cell.length_c   125.173
_cell.angle_alpha   90.00
_cell.angle_beta   90.00
_cell.angle_gamma   90.00
#
_symmetry.space_group_name_H-M   'C 2 2 21'
#
loop_
_entity.id
_entity.type
_entity.pdbx_description
1 polymer 'EC869 CdiA-CT'
2 polymer 'EC869 CdiI'
3 non-polymer 'ZINC ION'
4 non-polymer 'CHLORIDE ION'
5 non-polymer 'ACETATE ION'
6 non-polymer 'YTTRIUM (III) ION'
7 water water
#
loop_
_entity_poly.entity_id
_entity_poly.type
_entity_poly.pdbx_seq_one_letter_code
_entity_poly.pdbx_strand_id
1 'polypeptide(L)'
;(MSE)GTNQSLTFDKELSDCRKSGGNCQDIIDKWEKISDEQSAEIDQKLKDNPLEAQVIDKEVAKGGYD(MSE)TQRPGW
LGNIGVEV(MSE)TSDEAKAYVQKWNGRDLTKIDVNSPEWTKFAVFASDPENQA(MSE)LVSGGLLVKDITKAAISF
(MSE)SRNTATATVNASEIG(MSE)QWGQGN(MSE)KQG(MSE)PWEDYVGKSLPADARLPKNFKIFDYYDGATKTATSV
KSIDTQT(MSE)AKLANPNQVYSSIKGNIDAAAKFKEYALSGRELTSS(MSE)ISNREIQLAIPADTTKTQWAEINRAIE
YGKSQGVKVTVTQVK
;
A
2 'polypeptide(L)'
;(MSE)AFNKDQDYWANIFVTPDFLSVETYSGLG(MSE)TGRDPLFSPRLLQPDVDDKSLGEEILQALSDSRTLDVLEERV
AFFDLEKSKEQYAAWIATL(MSE)EKYGYRTKRALFKN(MSE)KKVGIHLVNDVITIRPSFHEKLEAWSGNRINESDYVV
LPADSSPTEIGSGLRLALSRCKGTSLEHHHHHH
;
B
#
# COMPACT_ATOMS: atom_id res chain seq x y z
N VAL A 80 17.12 -12.59 12.19
CA VAL A 80 16.53 -13.59 13.07
C VAL A 80 17.57 -14.29 13.98
N THR A 82 19.66 -16.88 16.09
CA THR A 82 20.00 -18.28 16.27
C THR A 82 20.19 -18.62 17.75
N SER A 83 20.13 -19.91 18.06
CA SER A 83 20.41 -20.37 19.42
C SER A 83 21.79 -19.91 19.90
N ASP A 84 22.80 -20.02 19.04
CA ASP A 84 24.11 -19.45 19.34
C ASP A 84 23.99 -18.02 19.85
N GLU A 85 23.38 -17.16 19.03
CA GLU A 85 23.27 -15.74 19.35
C GLU A 85 22.49 -15.53 20.66
N ALA A 86 21.35 -16.21 20.80
CA ALA A 86 20.55 -16.09 22.01
C ALA A 86 21.34 -16.52 23.26
N LYS A 87 22.01 -17.65 23.17
CA LYS A 87 22.80 -18.13 24.30
C LYS A 87 23.88 -17.11 24.67
N ALA A 88 24.53 -16.53 23.67
CA ALA A 88 25.63 -15.61 23.95
C ALA A 88 25.08 -14.32 24.54
N TYR A 89 23.93 -13.89 24.03
CA TYR A 89 23.27 -12.69 24.52
C TYR A 89 22.86 -12.83 25.99
N VAL A 90 22.28 -13.97 26.35
CA VAL A 90 21.90 -14.24 27.74
C VAL A 90 23.13 -14.22 28.66
N GLN A 91 24.16 -14.95 28.26
CA GLN A 91 25.43 -14.97 28.98
C GLN A 91 25.95 -13.55 29.24
N LYS A 92 25.89 -12.71 28.22
CA LYS A 92 26.38 -11.34 28.35
C LYS A 92 25.67 -10.54 29.45
N TRP A 93 24.39 -10.84 29.68
CA TRP A 93 23.63 -10.07 30.65
C TRP A 93 23.56 -10.65 32.07
N ASN A 94 24.14 -11.84 32.27
CA ASN A 94 24.19 -12.46 33.60
C ASN A 94 24.75 -11.51 34.67
N GLY A 95 23.97 -11.31 35.73
CA GLY A 95 24.43 -10.55 36.88
C GLY A 95 24.59 -9.06 36.60
N ARG A 96 23.92 -8.58 35.56
CA ARG A 96 23.93 -7.16 35.24
C ARG A 96 22.56 -6.57 35.47
N ASP A 97 22.53 -5.25 35.66
CA ASP A 97 21.28 -4.52 35.84
C ASP A 97 20.57 -4.41 34.49
N LEU A 98 19.36 -4.97 34.43
CA LEU A 98 18.60 -5.02 33.19
C LEU A 98 17.98 -3.68 32.79
N THR A 99 18.03 -2.67 33.65
CA THR A 99 17.46 -1.38 33.30
C THR A 99 18.36 -0.64 32.33
N LYS A 100 19.62 -1.09 32.23
CA LYS A 100 20.57 -0.55 31.27
C LYS A 100 20.31 -1.04 29.84
N ILE A 101 19.31 -1.89 29.68
CA ILE A 101 18.98 -2.43 28.37
C ILE A 101 18.22 -1.40 27.56
N ASP A 102 18.77 -1.08 26.39
CA ASP A 102 18.08 -0.22 25.42
C ASP A 102 17.05 -1.05 24.64
N VAL A 103 15.77 -0.88 24.98
CA VAL A 103 14.69 -1.67 24.37
C VAL A 103 14.41 -1.31 22.91
N ASN A 104 15.22 -0.40 22.37
CA ASN A 104 15.15 -0.10 20.94
C ASN A 104 16.37 -0.63 20.20
N SER A 105 17.34 -1.16 20.95
CA SER A 105 18.50 -1.77 20.35
C SER A 105 18.06 -2.97 19.53
N PRO A 106 18.70 -3.20 18.38
CA PRO A 106 18.39 -4.35 17.52
C PRO A 106 18.57 -5.68 18.24
N GLU A 107 19.54 -5.80 19.13
CA GLU A 107 19.75 -7.08 19.80
C GLU A 107 18.64 -7.43 20.78
N TRP A 108 18.20 -6.47 21.59
CA TRP A 108 17.06 -6.69 22.48
C TRP A 108 15.83 -7.12 21.71
N THR A 109 15.52 -6.37 20.66
CA THR A 109 14.41 -6.69 19.77
C THR A 109 14.49 -8.12 19.24
N LYS A 110 15.63 -8.49 18.66
CA LYS A 110 15.79 -9.86 18.16
C LYS A 110 15.63 -10.93 19.25
N PHE A 111 16.18 -10.67 20.43
CA PHE A 111 16.09 -11.63 21.52
C PHE A 111 14.64 -11.75 22.03
N ALA A 112 13.94 -10.62 22.08
CA ALA A 112 12.57 -10.62 22.56
C ALA A 112 11.67 -11.42 21.60
N VAL A 113 11.90 -11.25 20.31
CA VAL A 113 11.20 -12.05 19.31
C VAL A 113 11.53 -13.54 19.45
N PHE A 114 12.82 -13.85 19.52
CA PHE A 114 13.27 -15.23 19.72
C PHE A 114 12.59 -15.88 20.92
N ALA A 115 12.59 -15.17 22.05
CA ALA A 115 12.16 -15.75 23.31
C ALA A 115 10.65 -15.86 23.50
N SER A 116 9.88 -15.10 22.71
CA SER A 116 8.43 -15.12 22.87
C SER A 116 7.74 -15.98 21.80
N ASP A 117 8.48 -16.26 20.74
CA ASP A 117 8.05 -17.20 19.70
C ASP A 117 7.79 -18.55 20.38
N PRO A 118 6.52 -19.02 20.39
CA PRO A 118 6.21 -20.18 21.25
C PRO A 118 6.79 -21.51 20.76
N GLU A 119 7.17 -21.59 19.49
CA GLU A 119 7.90 -22.74 18.96
C GLU A 119 9.31 -22.83 19.55
N ASN A 120 9.61 -21.97 20.51
CA ASN A 120 10.87 -21.98 21.23
C ASN A 120 10.67 -22.07 22.74
N GLN A 121 9.43 -22.21 23.16
CA GLN A 121 9.11 -22.20 24.60
C GLN A 121 9.65 -23.42 25.33
N ALA A 122 9.19 -24.60 24.91
CA ALA A 122 9.69 -25.86 25.46
C ALA A 122 11.23 -25.92 25.34
N LEU A 124 13.41 -23.30 25.37
CA LEU A 124 14.02 -22.40 26.36
C LEU A 124 13.78 -22.87 27.78
N VAL A 125 12.59 -23.41 28.02
CA VAL A 125 12.24 -23.99 29.31
C VAL A 125 13.13 -25.21 29.61
N SER A 126 13.07 -26.23 28.77
CA SER A 126 13.84 -27.45 29.03
C SER A 126 15.35 -27.24 28.79
N GLY A 127 15.69 -26.16 28.10
CA GLY A 127 17.08 -25.78 27.90
C GLY A 127 17.71 -25.02 29.07
N GLY A 128 16.88 -24.53 29.98
CA GLY A 128 17.39 -23.86 31.16
C GLY A 128 17.63 -22.35 31.06
N LEU A 129 17.27 -21.75 29.93
CA LEU A 129 17.41 -20.29 29.74
C LEU A 129 16.30 -19.48 30.40
N LEU A 130 15.18 -20.13 30.71
CA LEU A 130 14.06 -19.44 31.35
C LEU A 130 14.30 -19.04 32.82
N VAL A 131 15.28 -19.65 33.49
CA VAL A 131 15.58 -19.27 34.87
C VAL A 131 16.28 -17.92 34.94
N LYS A 132 16.65 -17.38 33.78
CA LYS A 132 17.38 -16.11 33.74
C LYS A 132 16.41 -14.93 33.68
N ASP A 133 16.72 -13.89 34.44
CA ASP A 133 15.86 -12.71 34.53
C ASP A 133 15.61 -12.09 33.17
N ILE A 134 16.65 -11.98 32.35
CA ILE A 134 16.49 -11.33 31.06
C ILE A 134 15.52 -12.10 30.16
N THR A 135 15.48 -13.42 30.30
CA THR A 135 14.59 -14.21 29.49
C THR A 135 13.16 -14.01 29.97
N LYS A 136 12.97 -14.05 31.29
CA LYS A 136 11.69 -13.72 31.88
C LYS A 136 11.25 -12.32 31.46
N ALA A 137 12.20 -11.37 31.48
CA ALA A 137 11.87 -9.98 31.18
C ALA A 137 11.49 -9.80 29.72
N ALA A 138 12.07 -10.61 28.85
CA ALA A 138 11.78 -10.56 27.42
C ALA A 138 10.35 -11.03 27.18
N ILE A 139 9.98 -12.10 27.86
CA ILE A 139 8.65 -12.66 27.67
C ILE A 139 7.57 -11.68 28.17
N SER A 140 7.72 -11.15 29.37
CA SER A 140 6.71 -10.24 29.90
C SER A 140 6.62 -8.95 29.06
N PHE A 141 7.77 -8.45 28.59
CA PHE A 141 7.83 -7.34 27.64
C PHE A 141 7.01 -7.58 26.36
N SER A 143 4.49 -9.55 26.12
CA SER A 143 3.11 -9.80 26.48
C SER A 143 2.37 -8.55 26.94
N ARG A 144 3.09 -7.42 27.01
CA ARG A 144 2.53 -6.19 27.53
C ARG A 144 1.48 -5.61 26.56
N ASN A 145 0.57 -4.78 27.09
CA ASN A 145 -0.46 -4.16 26.26
C ASN A 145 0.14 -2.97 25.53
N THR A 146 0.24 -3.06 24.21
CA THR A 146 0.86 -2.01 23.42
C THR A 146 -0.15 -1.19 22.62
N ALA A 147 -1.43 -1.32 22.95
CA ALA A 147 -2.47 -0.51 22.30
C ALA A 147 -2.15 0.99 22.39
N THR A 148 -2.23 1.67 21.26
CA THR A 148 -1.94 3.10 21.24
C THR A 148 -3.12 3.90 21.85
N ALA A 149 -4.34 3.44 21.61
CA ALA A 149 -5.54 4.05 22.16
C ALA A 149 -6.57 3.00 22.59
N THR A 150 -7.51 3.42 23.44
CA THR A 150 -8.67 2.61 23.81
C THR A 150 -9.92 3.45 23.52
N VAL A 151 -10.86 2.90 22.75
CA VAL A 151 -12.06 3.62 22.38
C VAL A 151 -13.31 2.79 22.71
N ASN A 152 -14.38 3.44 23.21
CA ASN A 152 -15.65 2.74 23.42
C ASN A 152 -16.37 2.44 22.11
N ALA A 153 -16.65 1.16 21.86
CA ALA A 153 -17.40 0.71 20.69
C ALA A 153 -18.70 1.50 20.50
N SER A 154 -19.40 1.70 21.62
CA SER A 154 -20.69 2.37 21.62
C SER A 154 -20.63 3.80 21.10
N GLU A 155 -19.42 4.34 20.98
CA GLU A 155 -19.31 5.74 20.58
C GLU A 155 -18.86 5.93 19.14
N ILE A 156 -18.42 4.83 18.53
CA ILE A 156 -18.06 4.85 17.13
C ILE A 156 -18.94 3.91 16.33
N GLY A 157 -20.07 3.52 16.91
CA GLY A 157 -21.10 2.75 16.20
C GLY A 157 -20.65 1.34 15.86
N GLN A 159 -19.74 -2.87 17.00
CA GLN A 159 -19.98 -4.03 17.86
C GLN A 159 -19.06 -5.15 17.40
N TRP A 160 -18.57 -5.97 18.32
CA TRP A 160 -17.77 -7.12 17.93
C TRP A 160 -18.65 -8.32 17.72
N GLY A 161 -18.32 -9.13 16.72
CA GLY A 161 -18.93 -10.44 16.53
C GLY A 161 -20.32 -10.44 15.95
N GLN A 162 -20.83 -9.26 15.59
CA GLN A 162 -22.18 -9.13 15.03
C GLN A 162 -22.20 -8.97 13.50
N GLY A 163 -21.12 -9.38 12.84
CA GLY A 163 -21.06 -9.27 11.39
C GLY A 163 -20.24 -8.06 10.95
N ASN A 164 -19.73 -8.08 9.74
CA ASN A 164 -18.85 -7.02 9.27
C ASN A 164 -19.47 -5.62 9.29
N LYS A 166 -21.36 -4.17 11.31
CA LYS A 166 -21.32 -3.50 12.61
C LYS A 166 -19.93 -3.54 13.22
N GLN A 167 -18.99 -4.20 12.52
CA GLN A 167 -17.63 -4.35 13.04
C GLN A 167 -16.59 -3.63 12.19
N GLY A 168 -16.20 -4.26 11.08
CA GLY A 168 -15.20 -3.71 10.17
C GLY A 168 -15.53 -2.35 9.57
N PRO A 170 -17.80 0.24 10.48
CA PRO A 170 -17.71 1.41 11.37
C PRO A 170 -16.25 1.66 11.81
N TRP A 171 -15.45 0.61 11.92
CA TRP A 171 -14.04 0.81 12.26
C TRP A 171 -13.35 1.62 11.18
N GLU A 172 -13.60 1.23 9.94
CA GLU A 172 -12.99 1.88 8.80
C GLU A 172 -13.45 3.35 8.67
N ASP A 173 -14.74 3.62 8.88
CA ASP A 173 -15.22 5.00 8.87
C ASP A 173 -14.60 5.83 9.99
N TYR A 174 -14.40 5.21 11.15
CA TYR A 174 -13.86 5.96 12.27
C TYR A 174 -12.43 6.40 11.98
N VAL A 175 -11.62 5.47 11.48
CA VAL A 175 -10.26 5.78 11.01
C VAL A 175 -10.29 6.92 9.98
N GLY A 176 -11.25 6.86 9.05
CA GLY A 176 -11.43 7.91 8.06
C GLY A 176 -11.59 9.33 8.61
N LYS A 177 -12.32 9.47 9.72
CA LYS A 177 -12.54 10.76 10.37
C LYS A 177 -11.27 11.34 10.97
N SER A 178 -10.25 10.51 11.14
CA SER A 178 -9.02 10.91 11.80
C SER A 178 -7.90 11.17 10.78
N LEU A 179 -8.15 10.79 9.53
CA LEU A 179 -7.21 10.99 8.44
C LEU A 179 -7.66 12.18 7.58
N PRO A 180 -6.77 12.67 6.68
CA PRO A 180 -7.17 13.80 5.83
C PRO A 180 -8.40 13.52 4.94
N ALA A 181 -9.22 14.56 4.77
CA ALA A 181 -10.43 14.50 3.96
C ALA A 181 -10.25 13.98 2.51
N ASP A 182 -9.03 13.98 1.99
CA ASP A 182 -8.79 13.51 0.61
C ASP A 182 -8.32 12.04 0.54
N ALA A 183 -8.18 11.41 1.71
CA ALA A 183 -7.36 10.20 1.80
C ALA A 183 -8.08 8.90 1.43
N ARG A 184 -9.40 8.89 1.52
CA ARG A 184 -10.13 7.62 1.35
C ARG A 184 -10.09 7.08 -0.07
N LEU A 185 -9.62 5.83 -0.20
CA LEU A 185 -9.56 5.17 -1.49
C LEU A 185 -10.92 4.56 -1.88
N PRO A 186 -11.19 4.40 -3.18
CA PRO A 186 -12.43 3.75 -3.63
C PRO A 186 -12.63 2.37 -3.00
N LYS A 187 -13.89 1.98 -2.83
CA LYS A 187 -14.26 0.71 -2.18
C LYS A 187 -13.45 -0.51 -2.64
N ASN A 188 -13.37 -0.73 -3.95
CA ASN A 188 -12.67 -1.91 -4.43
C ASN A 188 -11.17 -1.74 -4.69
N PHE A 189 -10.59 -0.64 -4.23
CA PHE A 189 -9.16 -0.45 -4.39
C PHE A 189 -8.46 -1.57 -3.62
N LYS A 190 -7.40 -2.12 -4.21
CA LYS A 190 -6.74 -3.29 -3.66
C LYS A 190 -5.84 -2.94 -2.45
N ILE A 191 -5.95 -3.74 -1.39
CA ILE A 191 -5.05 -3.66 -0.23
C ILE A 191 -5.18 -2.46 0.70
N PHE A 192 -5.00 -1.24 0.19
CA PHE A 192 -5.04 -0.06 1.03
C PHE A 192 -6.42 0.57 1.05
N ASP A 193 -6.71 1.31 2.11
CA ASP A 193 -8.02 1.93 2.29
C ASP A 193 -7.89 3.43 2.27
N TYR A 194 -6.76 3.93 2.76
CA TYR A 194 -6.45 5.35 2.75
C TYR A 194 -5.05 5.61 2.21
N TYR A 195 -4.89 6.79 1.62
CA TYR A 195 -3.58 7.24 1.20
C TYR A 195 -3.55 8.76 1.30
N ASP A 196 -2.54 9.25 2.00
CA ASP A 196 -2.31 10.67 2.18
C ASP A 196 -1.03 11.08 1.44
N GLY A 197 -1.19 11.80 0.32
CA GLY A 197 -0.05 12.23 -0.48
C GLY A 197 0.89 13.22 0.21
N ALA A 198 0.38 13.93 1.23
CA ALA A 198 1.19 14.90 1.93
C ALA A 198 2.34 14.21 2.66
N THR A 199 2.07 13.04 3.23
CA THR A 199 3.10 12.25 3.91
C THR A 199 3.53 10.99 3.18
N LYS A 200 2.98 10.77 1.98
CA LYS A 200 3.20 9.54 1.20
C LYS A 200 2.88 8.29 2.04
N THR A 201 1.79 8.35 2.80
CA THR A 201 1.42 7.25 3.70
C THR A 201 0.17 6.50 3.23
N ALA A 202 0.35 5.21 2.93
CA ALA A 202 -0.74 4.33 2.53
C ALA A 202 -1.18 3.47 3.72
N THR A 203 -2.47 3.51 4.03
CA THR A 203 -2.98 2.83 5.22
C THR A 203 -4.01 1.73 4.90
N SER A 204 -3.80 0.57 5.49
CA SER A 204 -4.75 -0.52 5.43
C SER A 204 -5.49 -0.54 6.77
N VAL A 205 -6.80 -0.79 6.75
CA VAL A 205 -7.58 -0.77 7.99
C VAL A 205 -8.13 -2.16 8.28
N LYS A 206 -7.90 -2.66 9.49
CA LYS A 206 -8.30 -4.04 9.80
C LYS A 206 -8.86 -4.16 11.20
N SER A 207 -9.70 -5.17 11.41
CA SER A 207 -10.20 -5.48 12.75
C SER A 207 -10.13 -6.99 12.94
N ILE A 208 -9.78 -7.40 14.14
CA ILE A 208 -9.72 -8.83 14.43
C ILE A 208 -10.43 -9.12 15.73
N ASP A 209 -11.52 -9.87 15.66
CA ASP A 209 -12.20 -10.30 16.87
C ASP A 209 -11.41 -11.44 17.54
N THR A 210 -10.69 -11.09 18.60
CA THR A 210 -9.87 -12.07 19.29
C THR A 210 -10.68 -12.98 20.20
N GLN A 211 -11.95 -12.65 20.40
CA GLN A 211 -12.77 -13.40 21.34
C GLN A 211 -13.62 -14.53 20.74
N THR A 212 -13.39 -14.86 19.47
CA THR A 212 -14.06 -16.04 18.89
C THR A 212 -13.45 -17.30 19.50
N ALA A 214 -12.40 -19.95 18.14
CA ALA A 214 -11.18 -20.26 17.41
C ALA A 214 -9.93 -19.48 17.90
N LYS A 215 -9.96 -18.16 17.77
CA LYS A 215 -8.83 -17.33 18.16
C LYS A 215 -8.38 -17.51 19.62
N LEU A 216 -9.32 -17.83 20.51
CA LEU A 216 -9.01 -17.98 21.94
C LEU A 216 -8.32 -19.33 22.24
N ALA A 217 -8.62 -20.31 21.40
CA ALA A 217 -8.18 -21.67 21.69
C ALA A 217 -7.20 -22.19 20.64
N ASN A 218 -6.83 -21.34 19.70
CA ASN A 218 -5.90 -21.74 18.66
C ASN A 218 -4.70 -20.81 18.56
N PRO A 219 -3.56 -21.28 19.07
CA PRO A 219 -2.30 -20.52 19.05
C PRO A 219 -1.94 -20.06 17.65
N ASN A 220 -1.41 -18.85 17.51
CA ASN A 220 -0.83 -18.41 16.25
C ASN A 220 -1.81 -17.97 15.16
N GLN A 221 -3.10 -18.00 15.44
CA GLN A 221 -4.06 -17.52 14.44
C GLN A 221 -4.10 -15.98 14.38
N VAL A 222 -4.08 -15.35 15.54
CA VAL A 222 -4.03 -13.90 15.59
C VAL A 222 -2.76 -13.42 14.88
N TYR A 223 -1.65 -14.08 15.18
CA TYR A 223 -0.38 -13.74 14.54
C TYR A 223 -0.45 -13.86 13.02
N SER A 224 -0.90 -15.00 12.53
CA SER A 224 -0.87 -15.24 11.09
C SER A 224 -1.82 -14.31 10.33
N SER A 225 -2.98 -14.06 10.91
CA SER A 225 -3.92 -13.09 10.34
C SER A 225 -3.26 -11.72 10.14
N ILE A 226 -2.58 -11.20 11.16
CA ILE A 226 -1.92 -9.90 11.02
C ILE A 226 -0.74 -9.97 10.02
N LYS A 227 0.00 -11.08 10.07
CA LYS A 227 1.11 -11.34 9.16
C LYS A 227 0.66 -11.28 7.70
N GLY A 228 -0.47 -11.92 7.40
CA GLY A 228 -1.05 -11.86 6.06
C GLY A 228 -1.31 -10.41 5.63
N ASN A 229 -1.91 -9.61 6.50
CA ASN A 229 -2.15 -8.20 6.19
C ASN A 229 -0.82 -7.45 5.92
N ILE A 230 0.19 -7.76 6.72
CA ILE A 230 1.50 -7.14 6.64
C ILE A 230 2.18 -7.47 5.31
N ASP A 231 2.17 -8.74 4.95
CA ASP A 231 2.79 -9.15 3.69
C ASP A 231 2.05 -8.55 2.50
N ALA A 232 0.73 -8.52 2.56
CA ALA A 232 -0.04 -7.86 1.50
C ALA A 232 0.41 -6.42 1.34
N ALA A 233 0.42 -5.67 2.45
CA ALA A 233 0.80 -4.27 2.38
C ALA A 233 2.24 -4.06 1.84
N ALA A 234 3.16 -4.95 2.22
CA ALA A 234 4.54 -4.81 1.76
C ALA A 234 4.69 -5.26 0.31
N LYS A 235 3.81 -6.15 -0.14
CA LYS A 235 3.87 -6.70 -1.50
C LYS A 235 3.39 -5.70 -2.54
N PHE A 236 2.55 -4.76 -2.11
CA PHE A 236 1.87 -3.87 -3.04
C PHE A 236 2.88 -3.15 -3.92
N LYS A 237 2.65 -3.17 -5.23
CA LYS A 237 3.52 -2.43 -6.14
C LYS A 237 2.77 -1.34 -6.84
N GLU A 238 1.61 -1.69 -7.37
CA GLU A 238 0.84 -0.75 -8.16
C GLU A 238 -0.62 -1.19 -8.27
N TYR A 239 -1.55 -0.24 -8.17
CA TYR A 239 -2.94 -0.52 -8.52
C TYR A 239 -3.59 0.71 -9.16
N ALA A 240 -4.22 0.48 -10.30
CA ALA A 240 -4.95 1.49 -11.07
C ALA A 240 -6.37 1.00 -11.31
N LEU A 241 -7.34 1.77 -10.84
CA LEU A 241 -8.74 1.37 -10.86
C LEU A 241 -9.56 2.56 -11.33
N SER A 242 -10.27 2.38 -12.44
CA SER A 242 -11.20 3.40 -12.95
C SER A 242 -10.68 4.84 -12.85
N GLY A 243 -9.53 5.11 -13.46
CA GLY A 243 -9.04 6.47 -13.56
C GLY A 243 -8.18 6.98 -12.41
N ARG A 244 -7.95 6.14 -11.41
CA ARG A 244 -7.15 6.49 -10.24
C ARG A 244 -6.02 5.46 -10.03
N GLU A 245 -4.79 5.92 -9.81
CA GLU A 245 -3.70 4.98 -9.56
C GLU A 245 -2.75 5.36 -8.41
N LEU A 246 -2.18 4.34 -7.79
CA LEU A 246 -1.20 4.49 -6.74
C LEU A 246 -0.04 3.51 -7.03
N THR A 247 1.20 4.01 -7.01
CA THR A 247 2.38 3.18 -7.29
C THR A 247 3.28 3.20 -6.06
N SER A 248 4.13 2.17 -5.91
CA SER A 248 4.92 2.07 -4.69
C SER A 248 6.03 3.13 -4.60
N SER A 249 6.48 3.65 -5.75
CA SER A 249 7.42 4.77 -5.77
C SER A 249 6.89 5.99 -4.98
N ILE A 251 4.87 5.55 -2.23
CA ILE A 251 4.55 5.10 -0.86
C ILE A 251 5.83 5.04 0.00
N SER A 252 5.94 5.95 0.96
CA SER A 252 7.09 5.97 1.86
C SER A 252 6.74 5.26 3.15
N ASN A 253 5.46 5.32 3.52
CA ASN A 253 5.03 4.68 4.75
C ASN A 253 3.83 3.78 4.51
N ARG A 254 3.96 2.54 4.95
CA ARG A 254 2.89 1.55 4.89
C ARG A 254 2.43 1.31 6.30
N GLU A 255 1.14 1.47 6.55
CA GLU A 255 0.61 1.36 7.90
C GLU A 255 -0.64 0.47 7.95
N ILE A 256 -0.83 -0.20 9.07
CA ILE A 256 -2.05 -0.93 9.32
C ILE A 256 -2.69 -0.38 10.59
N GLN A 257 -3.93 0.08 10.49
CA GLN A 257 -4.68 0.50 11.67
C GLN A 257 -5.54 -0.68 12.10
N LEU A 258 -5.10 -1.37 13.14
CA LEU A 258 -5.77 -2.58 13.60
C LEU A 258 -6.62 -2.34 14.86
N ALA A 259 -7.88 -2.74 14.81
CA ALA A 259 -8.73 -2.71 16.01
C ALA A 259 -8.85 -4.11 16.62
N ILE A 260 -8.76 -4.18 17.95
CA ILE A 260 -9.00 -5.42 18.68
C ILE A 260 -9.88 -5.18 19.89
N PRO A 261 -10.65 -6.20 20.30
CA PRO A 261 -11.46 -6.08 21.53
C PRO A 261 -10.56 -5.88 22.73
N ALA A 262 -11.06 -5.26 23.80
CA ALA A 262 -10.22 -4.97 24.98
C ALA A 262 -10.03 -6.16 25.96
N ASP A 263 -10.72 -7.28 25.71
CA ASP A 263 -10.55 -8.47 26.56
C ASP A 263 -9.56 -9.46 25.94
N THR A 264 -8.84 -8.98 24.92
CA THR A 264 -7.71 -9.69 24.32
C THR A 264 -6.76 -10.16 25.42
N THR A 265 -6.32 -11.41 25.34
CA THR A 265 -5.53 -12.01 26.41
C THR A 265 -4.04 -11.75 26.30
N LYS A 266 -3.35 -12.03 27.40
CA LYS A 266 -1.91 -11.88 27.51
C LYS A 266 -1.19 -12.65 26.41
N THR A 267 -1.54 -13.93 26.27
CA THR A 267 -0.97 -14.77 25.20
C THR A 267 -1.28 -14.20 23.80
N GLN A 268 -2.43 -13.58 23.63
CA GLN A 268 -2.74 -12.97 22.34
C GLN A 268 -1.90 -11.72 22.11
N TRP A 269 -1.63 -11.00 23.19
CA TRP A 269 -0.76 -9.82 23.11
C TRP A 269 0.67 -10.20 22.66
N ALA A 270 1.19 -11.32 23.16
CA ALA A 270 2.46 -11.86 22.67
C ALA A 270 2.43 -12.02 21.13
N GLU A 271 1.40 -12.69 20.63
CA GLU A 271 1.23 -12.84 19.19
C GLU A 271 1.16 -11.48 18.48
N ILE A 272 0.42 -10.54 19.07
CA ILE A 272 0.23 -9.24 18.45
C ILE A 272 1.55 -8.46 18.35
N ASN A 273 2.36 -8.54 19.40
CA ASN A 273 3.63 -7.84 19.41
C ASN A 273 4.66 -8.47 18.49
N ARG A 274 4.65 -9.80 18.42
CA ARG A 274 5.49 -10.52 17.45
C ARG A 274 5.11 -10.09 16.03
N ALA A 275 3.82 -9.95 15.78
CA ALA A 275 3.35 -9.51 14.46
C ALA A 275 3.79 -8.08 14.17
N ILE A 276 3.68 -7.23 15.19
CA ILE A 276 4.09 -5.82 15.06
C ILE A 276 5.59 -5.73 14.72
N GLU A 277 6.41 -6.44 15.49
CA GLU A 277 7.84 -6.47 15.21
C GLU A 277 8.16 -7.04 13.81
N TYR A 278 7.44 -8.07 13.41
CA TYR A 278 7.62 -8.56 12.04
C TYR A 278 7.22 -7.46 11.04
N GLY A 279 6.14 -6.75 11.34
CA GLY A 279 5.76 -5.60 10.54
C GLY A 279 6.94 -4.66 10.29
N LYS A 280 7.68 -4.32 11.34
CA LYS A 280 8.80 -3.39 11.22
C LYS A 280 9.86 -3.85 10.22
N SER A 281 10.17 -5.14 10.23
CA SER A 281 11.16 -5.69 9.33
C SER A 281 10.69 -5.65 7.87
N GLN A 282 9.38 -5.59 7.67
CA GLN A 282 8.82 -5.50 6.32
C GLN A 282 8.45 -4.06 5.95
N GLY A 283 8.89 -3.11 6.77
CA GLY A 283 8.55 -1.71 6.56
C GLY A 283 7.07 -1.40 6.70
N VAL A 284 6.37 -2.16 7.54
CA VAL A 284 4.95 -1.93 7.79
C VAL A 284 4.68 -1.60 9.25
N LYS A 285 4.14 -0.41 9.51
CA LYS A 285 3.83 0.00 10.87
C LYS A 285 2.40 -0.45 11.24
N VAL A 286 2.31 -1.28 12.27
CA VAL A 286 1.03 -1.78 12.74
C VAL A 286 0.70 -1.00 14.00
N THR A 287 -0.38 -0.21 13.93
CA THR A 287 -0.88 0.52 15.07
C THR A 287 -2.15 -0.14 15.58
N VAL A 288 -2.19 -0.41 16.88
CA VAL A 288 -3.34 -1.09 17.48
C VAL A 288 -4.21 -0.20 18.38
N THR A 289 -5.52 -0.23 18.15
CA THR A 289 -6.48 0.46 19.00
C THR A 289 -7.34 -0.59 19.65
N GLN A 290 -7.46 -0.54 20.98
CA GLN A 290 -8.38 -1.42 21.69
C GLN A 290 -9.76 -0.80 21.64
N VAL A 291 -10.76 -1.61 21.30
CA VAL A 291 -12.14 -1.13 21.24
C VAL A 291 -12.99 -1.93 22.23
N LYS A 292 -13.48 -1.27 23.28
CA LYS A 292 -14.15 -2.00 24.37
C LYS A 292 -15.67 -1.81 24.38
N ALA B 2 10.06 24.50 -18.45
CA ALA B 2 9.27 23.29 -18.71
C ALA B 2 9.07 22.49 -17.43
N PHE B 3 9.67 21.29 -17.41
CA PHE B 3 9.59 20.41 -16.24
C PHE B 3 10.42 20.97 -15.06
N ASN B 4 9.78 21.11 -13.90
CA ASN B 4 10.46 21.61 -12.71
C ASN B 4 11.28 20.53 -12.00
N LYS B 5 12.38 20.92 -11.36
CA LYS B 5 13.16 20.00 -10.55
C LYS B 5 12.33 19.45 -9.39
N ASP B 6 12.42 18.14 -9.18
CA ASP B 6 11.82 17.47 -8.02
C ASP B 6 10.30 17.42 -8.06
N GLN B 7 9.73 17.75 -9.21
CA GLN B 7 8.29 17.69 -9.35
C GLN B 7 7.95 16.47 -10.19
N ASP B 8 7.00 15.66 -9.72
CA ASP B 8 6.58 14.44 -10.42
C ASP B 8 5.53 14.72 -11.48
N TYR B 9 5.76 14.18 -12.68
CA TYR B 9 4.83 14.32 -13.79
C TYR B 9 4.34 12.94 -14.23
N TRP B 10 3.06 12.83 -14.54
CA TRP B 10 2.46 11.53 -14.83
C TRP B 10 1.58 11.52 -16.06
N ALA B 11 1.66 10.42 -16.79
CA ALA B 11 0.75 10.13 -17.88
C ALA B 11 0.48 8.64 -17.91
N ASN B 12 -0.67 8.27 -18.46
CA ASN B 12 -0.99 6.88 -18.75
C ASN B 12 -1.37 6.71 -20.22
N ILE B 13 -0.93 5.60 -20.80
CA ILE B 13 -1.34 5.23 -22.15
C ILE B 13 -2.24 4.02 -22.02
N PHE B 14 -3.45 4.11 -22.56
CA PHE B 14 -4.30 2.94 -22.70
C PHE B 14 -4.32 2.51 -24.15
N VAL B 15 -4.18 1.20 -24.37
CA VAL B 15 -4.04 0.67 -25.71
C VAL B 15 -5.03 -0.45 -25.95
N THR B 16 -5.83 -0.28 -27.01
CA THR B 16 -6.63 -1.38 -27.56
C THR B 16 -6.14 -1.64 -28.98
N PRO B 17 -6.59 -2.73 -29.62
CA PRO B 17 -6.24 -2.90 -31.03
C PRO B 17 -6.72 -1.71 -31.88
N ASP B 18 -7.79 -1.05 -31.43
CA ASP B 18 -8.43 0.01 -32.21
C ASP B 18 -7.89 1.43 -31.98
N PHE B 19 -7.32 1.68 -30.81
CA PHE B 19 -6.82 3.01 -30.51
C PHE B 19 -5.80 3.02 -29.38
N LEU B 20 -5.10 4.14 -29.31
CA LEU B 20 -4.10 4.37 -28.29
C LEU B 20 -4.52 5.68 -27.62
N SER B 21 -4.73 5.65 -26.31
CA SER B 21 -5.18 6.85 -25.60
C SER B 21 -4.11 7.39 -24.65
N VAL B 22 -3.59 8.59 -24.92
CA VAL B 22 -2.57 9.19 -24.05
C VAL B 22 -3.21 10.17 -23.07
N GLU B 23 -3.09 9.89 -21.78
CA GLU B 23 -3.81 10.68 -20.76
C GLU B 23 -2.92 11.25 -19.68
N THR B 24 -3.08 12.55 -19.49
CA THR B 24 -2.44 13.27 -18.42
C THR B 24 -3.06 12.83 -17.09
N TYR B 25 -2.19 12.47 -16.16
CA TYR B 25 -2.62 12.17 -14.79
C TYR B 25 -2.07 13.22 -13.84
N SER B 26 -2.88 13.57 -12.84
CA SER B 26 -2.48 14.56 -11.86
C SER B 26 -2.83 14.06 -10.48
N GLY B 27 -2.27 14.71 -9.46
CA GLY B 27 -2.53 14.33 -8.08
C GLY B 27 -1.39 14.70 -7.14
N LEU B 28 -1.15 13.83 -6.16
CA LEU B 28 -0.01 13.97 -5.26
C LEU B 28 0.30 12.58 -4.73
N GLY B 29 1.32 11.95 -5.31
CA GLY B 29 1.63 10.57 -5.00
C GLY B 29 0.56 9.73 -5.69
N THR B 31 -2.56 9.54 -8.03
CA THR B 31 -2.88 10.34 -9.19
C THR B 31 -4.17 9.84 -9.83
N GLY B 32 -4.79 10.70 -10.62
CA GLY B 32 -6.01 10.35 -11.32
C GLY B 32 -6.07 11.07 -12.65
N ARG B 33 -6.90 10.53 -13.56
CA ARG B 33 -7.11 11.16 -14.86
C ARG B 33 -7.53 12.62 -14.65
N ASP B 34 -6.77 13.54 -15.25
CA ASP B 34 -6.99 14.96 -15.02
C ASP B 34 -8.01 15.48 -16.01
N PRO B 35 -9.20 15.82 -15.50
CA PRO B 35 -10.36 16.19 -16.34
C PRO B 35 -10.16 17.52 -17.04
N LEU B 36 -9.19 18.34 -16.61
CA LEU B 36 -8.90 19.62 -17.26
C LEU B 36 -8.41 19.42 -18.68
N PHE B 37 -7.88 18.22 -18.94
CA PHE B 37 -7.26 17.92 -20.23
C PHE B 37 -7.91 16.72 -20.90
N SER B 38 -8.32 16.87 -22.16
CA SER B 38 -8.93 15.75 -22.88
C SER B 38 -7.91 14.65 -23.16
N PRO B 39 -8.36 13.38 -23.14
CA PRO B 39 -7.48 12.28 -23.56
C PRO B 39 -7.03 12.52 -25.00
N ARG B 40 -5.82 12.12 -25.33
CA ARG B 40 -5.29 12.38 -26.66
C ARG B 40 -5.35 11.06 -27.44
N LEU B 41 -6.25 10.99 -28.41
CA LEU B 41 -6.49 9.76 -29.14
C LEU B 41 -5.60 9.67 -30.36
N LEU B 42 -4.91 8.54 -30.49
CA LEU B 42 -4.02 8.27 -31.62
C LEU B 42 -4.41 6.97 -32.31
N GLN B 43 -4.00 6.80 -33.57
CA GLN B 43 -4.08 5.51 -34.25
C GLN B 43 -3.20 4.48 -33.54
N PRO B 44 -3.62 3.22 -33.52
CA PRO B 44 -2.80 2.22 -32.80
C PRO B 44 -1.46 1.96 -33.50
N ASP B 45 -1.36 2.35 -34.77
CA ASP B 45 -0.12 2.20 -35.52
C ASP B 45 0.71 3.49 -35.60
N VAL B 46 0.45 4.43 -34.71
CA VAL B 46 1.13 5.73 -34.74
C VAL B 46 2.67 5.62 -34.66
N ASP B 47 3.38 6.37 -35.50
CA ASP B 47 4.86 6.35 -35.51
C ASP B 47 5.48 6.72 -34.16
N ASP B 48 6.72 6.29 -33.92
CA ASP B 48 7.38 6.50 -32.64
C ASP B 48 7.48 7.98 -32.29
N LYS B 49 7.81 8.79 -33.28
CA LYS B 49 8.03 10.22 -33.08
C LYS B 49 6.78 10.98 -32.61
N SER B 50 5.66 10.81 -33.32
CA SER B 50 4.40 11.46 -32.94
C SER B 50 3.95 11.03 -31.55
N LEU B 51 4.08 9.73 -31.29
CA LEU B 51 3.67 9.14 -30.02
C LEU B 51 4.47 9.73 -28.88
N GLY B 52 5.78 9.87 -29.11
CA GLY B 52 6.66 10.52 -28.16
C GLY B 52 6.27 11.97 -27.92
N GLU B 53 5.99 12.70 -29.00
CA GLU B 53 5.54 14.09 -28.88
C GLU B 53 4.26 14.19 -28.03
N GLU B 54 3.30 13.30 -28.28
CA GLU B 54 2.07 13.32 -27.51
C GLU B 54 2.32 12.99 -26.02
N ILE B 55 3.21 12.04 -25.76
CA ILE B 55 3.53 11.68 -24.38
C ILE B 55 4.16 12.84 -23.61
N LEU B 56 5.08 13.56 -24.25
CA LEU B 56 5.64 14.75 -23.63
C LEU B 56 4.56 15.81 -23.34
N GLN B 57 3.70 16.06 -24.32
CA GLN B 57 2.59 17.01 -24.16
C GLN B 57 1.67 16.66 -22.97
N ALA B 58 1.33 15.39 -22.84
CA ALA B 58 0.53 14.89 -21.73
C ALA B 58 1.26 15.09 -20.41
N LEU B 59 2.55 14.77 -20.42
CA LEU B 59 3.37 14.88 -19.25
C LEU B 59 3.46 16.34 -18.78
N SER B 60 3.57 17.29 -19.72
CA SER B 60 3.71 18.72 -19.36
C SER B 60 2.52 19.25 -18.57
N ASP B 61 1.34 18.63 -18.73
CA ASP B 61 0.12 19.11 -18.09
C ASP B 61 -0.17 18.46 -16.77
N SER B 62 0.59 17.43 -16.44
CA SER B 62 0.39 16.72 -15.21
C SER B 62 0.56 17.70 -14.04
N ARG B 63 -0.44 17.79 -13.18
CA ARG B 63 -0.38 18.77 -12.11
C ARG B 63 -0.06 18.16 -10.75
N THR B 64 0.58 18.97 -9.90
CA THR B 64 0.78 18.59 -8.51
C THR B 64 -0.26 19.37 -7.67
N LEU B 65 -1.19 18.62 -7.09
CA LEU B 65 -2.22 19.19 -6.24
C LEU B 65 -1.67 19.34 -4.82
N ASP B 66 -1.12 20.52 -4.54
CA ASP B 66 -0.26 20.69 -3.37
C ASP B 66 -1.00 21.01 -2.09
N VAL B 67 -2.16 21.67 -2.20
CA VAL B 67 -2.92 21.97 -0.99
C VAL B 67 -4.12 21.06 -0.83
N LEU B 68 -4.46 20.80 0.44
CA LEU B 68 -5.58 19.95 0.82
C LEU B 68 -6.88 20.19 0.01
N GLU B 69 -7.38 21.42 0.03
CA GLU B 69 -8.62 21.80 -0.66
C GLU B 69 -8.68 21.28 -2.11
N GLU B 70 -7.58 21.41 -2.83
CA GLU B 70 -7.53 20.95 -4.20
C GLU B 70 -7.67 19.44 -4.30
N ARG B 71 -7.02 18.75 -3.37
CA ARG B 71 -7.06 17.29 -3.39
C ARG B 71 -8.43 16.77 -2.95
N VAL B 72 -9.09 17.49 -2.04
CA VAL B 72 -10.41 17.07 -1.61
C VAL B 72 -11.37 17.06 -2.80
N ALA B 73 -11.43 18.17 -3.55
CA ALA B 73 -12.31 18.22 -4.72
C ALA B 73 -11.88 17.19 -5.78
N PHE B 74 -10.60 17.20 -6.13
CA PHE B 74 -10.11 16.35 -7.21
C PHE B 74 -10.33 14.86 -6.95
N PHE B 75 -10.17 14.42 -5.71
CA PHE B 75 -10.32 12.99 -5.44
C PHE B 75 -11.66 12.57 -4.85
N ASP B 76 -12.62 13.50 -4.76
CA ASP B 76 -13.95 13.20 -4.20
C ASP B 76 -14.53 11.93 -4.85
N LEU B 77 -15.04 11.01 -4.03
CA LEU B 77 -15.39 9.70 -4.56
C LEU B 77 -16.57 9.75 -5.52
N GLU B 78 -17.57 10.56 -5.19
CA GLU B 78 -18.80 10.66 -5.98
C GLU B 78 -18.61 11.38 -7.33
N LYS B 79 -18.19 12.64 -7.26
CA LYS B 79 -18.20 13.59 -8.38
C LYS B 79 -17.67 13.12 -9.75
N SER B 80 -16.82 12.10 -9.77
CA SER B 80 -16.12 11.69 -11.00
C SER B 80 -16.91 10.77 -11.96
N LYS B 81 -17.89 10.04 -11.45
CA LYS B 81 -18.53 8.98 -12.21
C LYS B 81 -19.43 9.45 -13.37
N GLU B 82 -20.04 10.63 -13.26
CA GLU B 82 -20.96 11.05 -14.33
C GLU B 82 -20.40 11.38 -15.72
N GLN B 83 -19.36 12.22 -15.79
CA GLN B 83 -18.71 12.56 -17.07
C GLN B 83 -17.93 11.40 -17.67
N TYR B 84 -17.25 10.72 -16.76
CA TYR B 84 -16.33 9.60 -16.96
C TYR B 84 -17.07 8.57 -17.81
N ALA B 85 -18.13 8.02 -17.21
CA ALA B 85 -18.95 6.99 -17.83
C ALA B 85 -19.59 7.46 -19.15
N ALA B 86 -19.66 8.78 -19.33
CA ALA B 86 -20.18 9.36 -20.57
C ALA B 86 -19.07 9.54 -21.63
N TRP B 87 -17.82 9.51 -21.19
CA TRP B 87 -16.67 9.50 -22.09
C TRP B 87 -16.52 8.11 -22.70
N ILE B 88 -16.94 7.10 -21.94
CA ILE B 88 -16.92 5.71 -22.37
C ILE B 88 -17.91 5.49 -23.50
N ALA B 89 -19.03 6.22 -23.48
CA ALA B 89 -20.09 6.05 -24.47
C ALA B 89 -19.67 6.59 -25.83
N THR B 90 -18.88 7.65 -25.81
CA THR B 90 -18.33 8.22 -27.03
C THR B 90 -17.21 7.31 -27.52
N LEU B 91 -16.48 6.72 -26.56
CA LEU B 91 -15.42 5.76 -26.87
C LEU B 91 -15.99 4.51 -27.57
N GLU B 93 -19.11 4.47 -29.10
CA GLU B 93 -19.71 4.95 -30.34
C GLU B 93 -18.65 5.25 -31.41
N LYS B 94 -17.54 5.85 -31.00
CA LYS B 94 -16.47 6.20 -31.94
C LYS B 94 -15.76 4.96 -32.51
N TYR B 95 -15.59 3.94 -31.69
CA TYR B 95 -14.76 2.80 -32.07
C TYR B 95 -15.53 1.49 -32.23
N GLY B 96 -16.85 1.57 -32.11
CA GLY B 96 -17.73 0.46 -32.39
C GLY B 96 -17.70 -0.68 -31.39
N TYR B 97 -17.61 -0.34 -30.11
CA TYR B 97 -17.77 -1.34 -29.05
C TYR B 97 -19.21 -1.39 -28.56
N ARG B 98 -19.73 -2.61 -28.45
CA ARG B 98 -21.13 -2.82 -28.15
C ARG B 98 -21.44 -2.79 -26.64
N THR B 99 -20.45 -3.16 -25.83
CA THR B 99 -20.56 -3.17 -24.38
C THR B 99 -19.26 -2.67 -23.76
N LYS B 100 -19.31 -2.30 -22.47
CA LYS B 100 -18.11 -1.92 -21.72
C LYS B 100 -17.07 -3.02 -21.72
N ARG B 101 -17.55 -4.25 -21.58
CA ARG B 101 -16.66 -5.41 -21.56
C ARG B 101 -15.85 -5.53 -22.85
N ALA B 102 -16.45 -5.21 -23.99
CA ALA B 102 -15.74 -5.24 -25.26
C ALA B 102 -14.64 -4.17 -25.30
N LEU B 103 -14.98 -2.96 -24.87
CA LEU B 103 -14.01 -1.88 -24.79
C LEU B 103 -12.79 -2.26 -23.95
N PHE B 104 -13.00 -2.92 -22.81
CA PHE B 104 -11.93 -3.07 -21.82
C PHE B 104 -11.14 -4.37 -21.87
N LYS B 105 -11.70 -5.42 -22.48
CA LYS B 105 -11.13 -6.76 -22.34
C LYS B 105 -9.73 -6.95 -22.93
N ASN B 106 -9.40 -6.19 -23.96
CA ASN B 106 -8.03 -6.25 -24.50
C ASN B 106 -7.31 -4.91 -24.37
N LYS B 108 -4.62 -2.72 -22.77
CA LYS B 108 -3.40 -2.59 -21.98
C LYS B 108 -3.26 -1.19 -21.39
N LYS B 109 -2.58 -1.10 -20.26
CA LYS B 109 -2.22 0.18 -19.68
C LYS B 109 -0.71 0.27 -19.54
N VAL B 110 -0.12 1.40 -19.93
CA VAL B 110 1.27 1.65 -19.63
C VAL B 110 1.44 3.01 -18.93
N GLY B 111 2.07 3.00 -17.76
CA GLY B 111 2.30 4.22 -17.00
C GLY B 111 3.61 4.91 -17.35
N ILE B 112 3.57 6.24 -17.43
CA ILE B 112 4.75 7.04 -17.70
C ILE B 112 4.94 7.98 -16.53
N HIS B 113 6.18 8.14 -16.08
CA HIS B 113 6.47 9.02 -14.96
C HIS B 113 7.77 9.77 -15.23
N LEU B 114 7.75 11.08 -15.02
CA LEU B 114 8.92 11.91 -15.22
C LEU B 114 9.21 12.70 -13.96
N VAL B 115 10.46 12.61 -13.50
CA VAL B 115 10.93 13.48 -12.43
C VAL B 115 12.42 13.72 -12.63
N ASN B 116 12.85 14.96 -12.46
CA ASN B 116 14.26 15.24 -12.65
C ASN B 116 14.64 14.83 -14.05
N ASP B 117 15.64 13.97 -14.15
CA ASP B 117 16.20 13.55 -15.43
C ASP B 117 15.63 12.24 -16.00
N VAL B 118 14.72 11.60 -15.27
CA VAL B 118 14.38 10.22 -15.57
C VAL B 118 12.92 9.99 -15.96
N ILE B 119 12.71 9.53 -17.20
CA ILE B 119 11.42 9.04 -17.64
C ILE B 119 11.35 7.53 -17.42
N THR B 120 10.34 7.07 -16.69
CA THR B 120 10.20 5.66 -16.35
C THR B 120 8.90 5.09 -16.92
N ILE B 121 9.01 4.02 -17.71
CA ILE B 121 7.83 3.44 -18.34
C ILE B 121 7.45 2.08 -17.75
N ARG B 122 6.24 2.00 -17.18
CA ARG B 122 5.78 0.81 -16.45
C ARG B 122 4.71 0.04 -17.19
N PRO B 123 5.00 -1.20 -17.59
CA PRO B 123 3.90 -2.08 -18.01
C PRO B 123 3.06 -2.48 -16.80
N SER B 124 1.86 -2.96 -17.04
CA SER B 124 0.94 -3.34 -15.99
C SER B 124 0.28 -4.66 -16.36
N PHE B 125 -0.24 -5.33 -15.35
CA PHE B 125 -0.92 -6.59 -15.56
C PHE B 125 -2.41 -6.30 -15.50
N HIS B 126 -3.12 -6.63 -16.58
CA HIS B 126 -4.55 -6.43 -16.63
C HIS B 126 -5.23 -7.48 -15.73
N GLU B 127 -5.59 -7.04 -14.53
CA GLU B 127 -6.04 -7.93 -13.45
C GLU B 127 -7.56 -8.13 -13.47
N LYS B 128 -8.30 -7.03 -13.60
CA LYS B 128 -9.76 -7.06 -13.74
C LYS B 128 -10.13 -6.14 -14.89
N LEU B 129 -11.39 -6.20 -15.31
CA LEU B 129 -11.89 -5.39 -16.43
C LEU B 129 -11.36 -3.95 -16.44
N GLU B 130 -11.57 -3.20 -15.35
CA GLU B 130 -11.05 -1.84 -15.29
C GLU B 130 -9.98 -1.68 -14.20
N ALA B 131 -9.18 -2.72 -14.00
CA ALA B 131 -8.10 -2.67 -13.03
C ALA B 131 -6.80 -3.22 -13.63
N TRP B 132 -5.71 -2.51 -13.35
CA TRP B 132 -4.36 -2.95 -13.71
C TRP B 132 -3.48 -2.90 -12.46
N SER B 133 -2.56 -3.85 -12.33
CA SER B 133 -1.66 -3.92 -11.18
C SER B 133 -0.20 -4.16 -11.56
N GLY B 134 0.66 -4.23 -10.56
CA GLY B 134 2.07 -4.52 -10.78
C GLY B 134 2.38 -5.99 -10.57
N ASN B 135 1.32 -6.81 -10.47
CA ASN B 135 1.44 -8.25 -10.32
C ASN B 135 2.35 -8.89 -11.39
N ARG B 136 3.39 -9.60 -10.92
CA ARG B 136 4.41 -10.22 -11.78
C ARG B 136 5.22 -9.23 -12.65
N ILE B 137 5.00 -7.94 -12.45
CA ILE B 137 5.86 -6.91 -13.02
C ILE B 137 7.00 -6.59 -12.04
N ASN B 138 8.23 -6.55 -12.53
CA ASN B 138 9.40 -6.18 -11.72
C ASN B 138 10.07 -4.92 -12.27
N GLU B 139 10.85 -4.24 -11.44
CA GLU B 139 11.51 -3.00 -11.84
C GLU B 139 12.35 -3.18 -13.11
N SER B 140 12.93 -4.37 -13.25
CA SER B 140 13.75 -4.72 -14.41
C SER B 140 12.95 -4.69 -15.70
N ASP B 141 11.62 -4.79 -15.58
CA ASP B 141 10.75 -4.79 -16.74
C ASP B 141 10.34 -3.38 -17.14
N TYR B 142 10.70 -2.41 -16.31
CA TYR B 142 10.45 -1.00 -16.61
C TYR B 142 11.44 -0.54 -17.69
N VAL B 143 10.97 0.30 -18.61
CA VAL B 143 11.88 0.94 -19.55
C VAL B 143 12.28 2.28 -18.96
N VAL B 144 13.57 2.51 -18.80
CA VAL B 144 14.06 3.76 -18.22
C VAL B 144 14.87 4.56 -19.25
N LEU B 145 14.48 5.82 -19.41
CA LEU B 145 15.11 6.71 -20.39
C LEU B 145 15.57 7.99 -19.71
N PRO B 146 16.61 8.62 -20.25
CA PRO B 146 16.88 10.00 -19.81
C PRO B 146 15.81 10.93 -20.39
N ALA B 147 15.48 12.01 -19.68
CA ALA B 147 14.38 12.90 -20.08
C ALA B 147 14.75 13.77 -21.29
N ASP B 148 16.04 13.86 -21.55
CA ASP B 148 16.58 14.58 -22.71
C ASP B 148 16.27 13.86 -24.02
N SER B 149 15.81 12.60 -23.89
CA SER B 149 15.53 11.74 -25.03
C SER B 149 14.62 12.42 -26.04
N SER B 150 14.90 12.20 -27.32
CA SER B 150 14.06 12.74 -28.37
C SER B 150 12.67 12.10 -28.29
N PRO B 151 11.64 12.80 -28.81
CA PRO B 151 10.30 12.23 -28.92
C PRO B 151 10.33 10.82 -29.52
N THR B 152 11.17 10.62 -30.54
CA THR B 152 11.28 9.34 -31.21
C THR B 152 11.70 8.21 -30.26
N GLU B 153 12.67 8.49 -29.39
CA GLU B 153 13.17 7.48 -28.47
C GLU B 153 12.13 7.15 -27.41
N ILE B 154 11.42 8.17 -26.96
CA ILE B 154 10.40 7.99 -25.95
C ILE B 154 9.26 7.09 -26.47
N GLY B 155 8.87 7.30 -27.74
CA GLY B 155 7.82 6.50 -28.34
C GLY B 155 8.29 5.07 -28.54
N SER B 156 9.54 4.93 -28.98
CA SER B 156 10.17 3.63 -29.13
C SER B 156 10.20 2.90 -27.80
N GLY B 157 10.48 3.64 -26.73
CA GLY B 157 10.49 3.09 -25.38
C GLY B 157 9.12 2.59 -24.95
N LEU B 158 8.08 3.32 -25.32
CA LEU B 158 6.71 2.87 -25.05
C LEU B 158 6.42 1.54 -25.76
N ARG B 159 6.81 1.43 -27.02
CA ARG B 159 6.62 0.19 -27.78
C ARG B 159 7.31 -1.03 -27.14
N LEU B 160 8.51 -0.79 -26.61
CA LEU B 160 9.25 -1.83 -25.90
C LEU B 160 8.55 -2.23 -24.61
N ALA B 161 7.89 -1.27 -23.97
CA ALA B 161 7.16 -1.55 -22.74
C ALA B 161 5.94 -2.44 -22.99
N LEU B 162 5.25 -2.21 -24.11
CA LEU B 162 4.07 -2.99 -24.46
C LEU B 162 4.38 -4.47 -24.71
N SER B 163 5.63 -4.76 -25.09
CA SER B 163 6.07 -6.13 -25.32
C SER B 163 6.36 -6.90 -24.02
N ARG B 164 6.23 -6.21 -22.89
CA ARG B 164 6.49 -6.79 -21.58
C ARG B 164 5.25 -6.74 -20.70
#